data_4DHR
#
_entry.id   4DHR
#
_cell.length_a   82.200
_cell.length_b   112.340
_cell.length_c   62.510
_cell.angle_alpha   90.00
_cell.angle_beta   90.00
_cell.angle_gamma   90.00
#
_symmetry.space_group_name_H-M   'C 2 2 21'
#
loop_
_entity.id
_entity.type
_entity.pdbx_description
1 polymer '14-3-3 protein sigma'
2 non-polymer 'MAGNESIUM ION'
3 non-polymer 'CHLORIDE ION'
4 non-polymer GLYCEROL
5 non-polymer '(2-{2-[(2-chlorophenyl)amino]-2-oxoethoxy}phenyl)phosphonic acid'
6 water water
#
_entity_poly.entity_id   1
_entity_poly.type   'polypeptide(L)'
_entity_poly.pdbx_seq_one_letter_code
;AMGSMERASLIQKAKLAEQAERYEDMAAFMKGAVEKGEELS(CSO)EERNLLSVAYKNVVGGQRAAWRVLSSIEQKSNEE
GSEEKGPEVREYREKVETELQGVCDTVLGLLDSHLIKEAGDAESRVFYLKMKGDYYRYLAEVATGDDKKRIIDSARSAYQ
EAMDISKKEMPPTNPIRLGLALNFSVFHYEIANSPEEAISLAKTTFDEAMADLHTLSEDSYKDSTLIMQLLRDNLTLWT
;
_entity_poly.pdbx_strand_id   A
#
# COMPACT_ATOMS: atom_id res chain seq x y z
N ALA A 1 8.19 19.28 -13.23
CA ALA A 1 7.63 20.64 -12.98
C ALA A 1 8.03 21.07 -11.59
N MET A 2 8.45 20.12 -10.69
CA MET A 2 8.85 20.57 -9.38
C MET A 2 10.34 20.77 -9.19
N GLY A 3 11.14 20.66 -10.25
CA GLY A 3 12.56 20.77 -10.14
C GLY A 3 13.09 22.09 -9.62
N SER A 4 12.33 23.17 -9.83
CA SER A 4 12.78 24.47 -9.36
CA SER A 4 12.75 24.48 -9.36
C SER A 4 12.37 24.77 -7.95
N MET A 5 11.58 23.94 -7.30
CA MET A 5 11.11 24.24 -5.97
C MET A 5 12.00 23.59 -4.90
N GLU A 6 12.33 24.27 -3.82
CA GLU A 6 13.13 23.67 -2.76
C GLU A 6 12.44 22.46 -2.17
N ARG A 7 13.26 21.49 -1.77
CA ARG A 7 12.75 20.30 -1.10
C ARG A 7 11.88 20.64 0.07
N ALA A 8 12.34 21.57 0.95
CA ALA A 8 11.57 21.83 2.15
C ALA A 8 10.20 22.51 1.82
N SER A 9 10.21 23.30 0.75
CA SER A 9 8.95 23.95 0.29
C SER A 9 7.98 22.92 -0.29
N LEU A 10 8.50 21.90 -1.00
CA LEU A 10 7.61 20.83 -1.49
C LEU A 10 6.98 20.09 -0.33
N ILE A 11 7.75 19.78 0.72
CA ILE A 11 7.19 19.08 1.89
CA ILE A 11 7.22 19.09 1.87
C ILE A 11 6.16 19.93 2.61
N GLN A 12 6.50 21.26 2.78
CA GLN A 12 5.52 22.13 3.41
C GLN A 12 4.19 22.20 2.58
N LYS A 13 4.33 22.31 1.27
CA LYS A 13 3.11 22.38 0.41
C LYS A 13 2.38 21.04 0.40
N ALA A 14 3.09 19.91 0.52
CA ALA A 14 2.36 18.63 0.64
C ALA A 14 1.50 18.62 1.86
N LYS A 15 2.02 19.16 3.02
CA LYS A 15 1.25 19.18 4.23
C LYS A 15 0.03 20.14 4.09
N LEU A 16 0.24 21.26 3.40
CA LEU A 16 -0.91 22.20 3.16
C LEU A 16 -1.98 21.51 2.26
N ALA A 17 -1.48 20.82 1.23
CA ALA A 17 -2.40 20.11 0.27
C ALA A 17 -3.18 19.08 1.04
N GLU A 18 -2.55 18.36 1.99
CA GLU A 18 -3.31 17.39 2.74
C GLU A 18 -4.44 18.07 3.54
N GLN A 19 -4.12 19.20 4.21
CA GLN A 19 -5.12 19.95 4.99
CA GLN A 19 -5.11 19.95 4.98
C GLN A 19 -6.26 20.40 4.09
N ALA A 20 -5.96 20.75 2.85
CA ALA A 20 -6.96 21.23 1.89
C ALA A 20 -7.63 20.08 1.17
N GLU A 21 -7.28 18.84 1.46
CA GLU A 21 -7.83 17.65 0.76
C GLU A 21 -7.58 17.71 -0.75
N ARG A 22 -6.41 18.20 -1.12
CA ARG A 22 -5.99 18.33 -2.49
C ARG A 22 -4.93 17.22 -2.72
N TYR A 23 -5.42 15.98 -2.85
CA TYR A 23 -4.46 14.87 -2.85
C TYR A 23 -3.67 14.72 -4.10
N GLU A 24 -4.19 15.11 -5.27
CA GLU A 24 -3.35 15.09 -6.47
CA GLU A 24 -3.40 15.15 -6.50
C GLU A 24 -2.23 16.11 -6.33
N ASP A 25 -2.50 17.30 -5.79
CA ASP A 25 -1.41 18.24 -5.58
C ASP A 25 -0.41 17.66 -4.54
N MET A 26 -0.94 17.05 -3.50
CA MET A 26 -0.08 16.46 -2.45
C MET A 26 0.87 15.45 -3.07
N ALA A 27 0.32 14.57 -3.93
CA ALA A 27 1.18 13.55 -4.55
C ALA A 27 2.20 14.18 -5.49
N ALA A 28 1.83 15.24 -6.28
CA ALA A 28 2.79 15.86 -7.13
C ALA A 28 3.94 16.53 -6.31
N PHE A 29 3.60 17.18 -5.17
CA PHE A 29 4.64 17.77 -4.30
C PHE A 29 5.54 16.65 -3.75
N MET A 30 4.96 15.53 -3.29
CA MET A 30 5.80 14.50 -2.71
C MET A 30 6.66 13.82 -3.82
N LYS A 31 6.12 13.64 -5.04
CA LYS A 31 6.96 13.14 -6.13
C LYS A 31 8.13 14.05 -6.38
N GLY A 32 7.88 15.40 -6.40
CA GLY A 32 8.97 16.36 -6.55
C GLY A 32 10.00 16.19 -5.40
N ALA A 33 9.52 16.02 -4.18
CA ALA A 33 10.45 15.87 -3.05
C ALA A 33 11.28 14.59 -3.24
N VAL A 34 10.67 13.45 -3.59
CA VAL A 34 11.45 12.20 -3.81
C VAL A 34 12.47 12.48 -4.87
N GLU A 35 12.13 13.13 -5.96
CA GLU A 35 13.01 13.32 -7.06
C GLU A 35 14.21 14.27 -6.75
N LYS A 36 14.21 14.91 -5.57
CA LYS A 36 15.46 15.59 -5.15
C LYS A 36 16.58 14.63 -4.89
N GLY A 37 16.29 13.33 -4.66
CA GLY A 37 17.36 12.34 -4.57
C GLY A 37 17.74 12.00 -3.17
N GLU A 38 17.33 12.76 -2.17
CA GLU A 38 17.65 12.46 -0.79
CA GLU A 38 17.66 12.49 -0.79
C GLU A 38 16.71 11.41 -0.25
N GLU A 39 17.15 10.61 0.70
CA GLU A 39 16.25 9.69 1.40
C GLU A 39 15.12 10.46 2.14
N LEU A 40 14.00 9.80 2.43
CA LEU A 40 12.85 10.38 3.11
C LEU A 40 12.84 10.00 4.56
N SER A 41 12.47 10.95 5.43
CA SER A 41 12.25 10.66 6.84
C SER A 41 10.98 9.88 7.06
N GLU A 43 8.24 10.81 8.63
CA GLU A 43 7.06 11.65 8.38
CA GLU A 43 7.09 11.66 8.40
C GLU A 43 6.92 11.84 6.89
N GLU A 44 8.02 12.03 6.15
CA GLU A 44 7.93 12.26 4.72
C GLU A 44 7.46 10.99 4.00
N ARG A 45 7.88 9.78 4.41
CA ARG A 45 7.39 8.56 3.82
C ARG A 45 5.89 8.47 4.03
N ASN A 46 5.37 8.84 5.20
CA ASN A 46 3.93 8.82 5.43
C ASN A 46 3.20 9.80 4.54
N LEU A 47 3.78 11.00 4.32
CA LEU A 47 3.11 11.94 3.40
C LEU A 47 3.06 11.35 2.00
N LEU A 48 4.10 10.72 1.52
CA LEU A 48 4.12 10.12 0.19
C LEU A 48 3.01 9.08 0.13
N SER A 49 2.91 8.19 1.12
CA SER A 49 1.92 7.12 1.10
CA SER A 49 1.94 7.13 1.02
C SER A 49 0.51 7.67 1.17
N VAL A 50 0.26 8.63 2.06
CA VAL A 50 -1.11 9.16 2.16
C VAL A 50 -1.51 9.80 0.83
N ALA A 51 -0.62 10.55 0.19
CA ALA A 51 -0.98 11.29 -1.03
C ALA A 51 -1.41 10.27 -2.08
N TYR A 52 -0.56 9.26 -2.38
CA TYR A 52 -0.86 8.34 -3.45
C TYR A 52 -2.01 7.39 -3.09
N LYS A 53 -2.17 7.03 -1.85
CA LYS A 53 -3.26 6.14 -1.45
CA LYS A 53 -3.25 6.15 -1.43
C LYS A 53 -4.58 6.82 -1.71
N ASN A 54 -4.67 8.13 -1.46
CA ASN A 54 -5.94 8.85 -1.66
C ASN A 54 -6.11 9.04 -3.18
N VAL A 55 -5.05 9.32 -3.98
CA VAL A 55 -5.25 9.49 -5.44
C VAL A 55 -5.73 8.14 -6.01
N VAL A 56 -5.01 7.06 -5.75
CA VAL A 56 -5.37 5.78 -6.36
CA VAL A 56 -5.39 5.79 -6.36
C VAL A 56 -6.66 5.25 -5.77
N GLY A 57 -7.01 5.62 -4.52
CA GLY A 57 -8.26 5.14 -3.96
C GLY A 57 -9.46 5.76 -4.68
N GLY A 58 -9.36 7.01 -5.07
CA GLY A 58 -10.43 7.64 -5.88
C GLY A 58 -10.52 6.95 -7.23
N GLN A 59 -9.40 6.60 -7.86
CA GLN A 59 -9.42 5.95 -9.16
C GLN A 59 -10.01 4.57 -9.03
N ARG A 60 -9.63 3.80 -8.02
CA ARG A 60 -10.13 2.44 -7.84
C ARG A 60 -11.63 2.48 -7.62
N ALA A 61 -12.13 3.43 -6.81
CA ALA A 61 -13.56 3.52 -6.56
C ALA A 61 -14.29 3.79 -7.88
N ALA A 62 -13.76 4.71 -8.69
CA ALA A 62 -14.41 5.07 -9.97
C ALA A 62 -14.36 3.87 -10.92
N TRP A 63 -13.21 3.17 -10.96
CA TRP A 63 -13.07 2.00 -11.83
C TRP A 63 -14.09 0.94 -11.42
N ARG A 64 -14.32 0.73 -10.14
CA ARG A 64 -15.24 -0.30 -9.75
C ARG A 64 -16.67 0.07 -10.14
N VAL A 65 -17.06 1.34 -10.05
CA VAL A 65 -18.41 1.75 -10.47
C VAL A 65 -18.52 1.51 -11.97
N LEU A 66 -17.55 1.92 -12.74
CA LEU A 66 -17.60 1.79 -14.21
C LEU A 66 -17.57 0.34 -14.67
N SER A 67 -16.77 -0.49 -14.00
CA SER A 67 -16.67 -1.92 -14.36
CA SER A 67 -16.70 -1.92 -14.31
C SER A 67 -18.01 -2.59 -14.03
N SER A 68 -18.67 -2.22 -12.94
CA SER A 68 -19.98 -2.81 -12.63
CA SER A 68 -19.99 -2.75 -12.59
C SER A 68 -21.01 -2.44 -13.68
N ILE A 69 -21.04 -1.16 -14.13
CA ILE A 69 -22.00 -0.75 -15.16
C ILE A 69 -21.66 -1.52 -16.42
N GLU A 70 -20.38 -1.66 -16.78
CA GLU A 70 -19.98 -2.36 -17.99
C GLU A 70 -20.41 -3.82 -17.94
N GLN A 71 -20.25 -4.49 -16.81
CA GLN A 71 -20.59 -5.90 -16.72
C GLN A 71 -22.11 -6.05 -16.85
N LYS A 72 -22.88 -5.16 -16.25
CA LYS A 72 -24.36 -5.16 -16.46
C LYS A 72 -24.79 -4.84 -17.93
N SER A 73 -24.07 -3.96 -18.61
CA SER A 73 -24.33 -3.72 -20.05
C SER A 73 -24.05 -4.95 -20.91
N ASN A 74 -23.18 -5.85 -20.45
CA ASN A 74 -22.71 -7.02 -21.22
C ASN A 74 -23.51 -8.35 -21.03
N GLY A 82 -23.49 0.69 -27.00
CA GLY A 82 -22.32 1.28 -27.66
C GLY A 82 -21.01 1.12 -26.87
N PRO A 83 -19.96 1.68 -27.42
CA PRO A 83 -18.63 1.50 -26.86
C PRO A 83 -18.34 2.41 -25.65
N GLU A 84 -19.22 3.33 -25.27
CA GLU A 84 -18.85 4.42 -24.38
C GLU A 84 -18.53 3.94 -22.97
N VAL A 85 -19.23 2.98 -22.39
CA VAL A 85 -18.90 2.55 -21.02
CA VAL A 85 -18.85 2.64 -21.00
C VAL A 85 -17.51 1.91 -21.01
N ARG A 86 -17.24 1.02 -21.98
CA ARG A 86 -15.91 0.37 -22.03
C ARG A 86 -14.87 1.45 -22.31
N GLU A 87 -15.09 2.43 -23.20
CA GLU A 87 -14.07 3.44 -23.45
C GLU A 87 -13.76 4.22 -22.15
N TYR A 88 -14.80 4.60 -21.43
CA TYR A 88 -14.55 5.44 -20.25
C TYR A 88 -13.93 4.59 -19.13
N ARG A 89 -14.38 3.34 -18.95
CA ARG A 89 -13.69 2.46 -17.96
C ARG A 89 -12.23 2.31 -18.37
N GLU A 90 -11.92 2.16 -19.64
CA GLU A 90 -10.54 2.05 -20.09
CA GLU A 90 -10.51 2.08 -20.10
C GLU A 90 -9.74 3.31 -19.83
N LYS A 91 -10.36 4.49 -19.97
CA LYS A 91 -9.66 5.76 -19.72
C LYS A 91 -9.28 5.80 -18.21
N VAL A 92 -10.24 5.54 -17.34
CA VAL A 92 -9.97 5.54 -15.91
C VAL A 92 -8.91 4.48 -15.57
N GLU A 93 -9.01 3.31 -16.17
CA GLU A 93 -8.04 2.24 -15.93
C GLU A 93 -6.64 2.66 -16.32
N THR A 94 -6.49 3.32 -17.45
CA THR A 94 -5.17 3.72 -17.95
C THR A 94 -4.62 4.78 -17.02
N GLU A 95 -5.46 5.68 -16.50
CA GLU A 95 -4.93 6.69 -15.61
CA GLU A 95 -5.01 6.71 -15.57
C GLU A 95 -4.53 6.03 -14.27
N LEU A 96 -5.31 5.08 -13.75
CA LEU A 96 -4.94 4.32 -12.54
C LEU A 96 -3.60 3.64 -12.78
N GLN A 97 -3.46 2.92 -13.87
CA GLN A 97 -2.21 2.25 -14.19
C GLN A 97 -1.08 3.23 -14.21
N GLY A 98 -1.31 4.43 -14.74
CA GLY A 98 -0.23 5.37 -14.81
C GLY A 98 0.19 5.86 -13.41
N VAL A 99 -0.75 6.03 -12.46
CA VAL A 99 -0.39 6.44 -11.09
C VAL A 99 0.43 5.28 -10.46
N CYS A 100 -0.04 4.02 -10.63
CA CYS A 100 0.73 2.91 -10.06
C CYS A 100 2.11 2.84 -10.67
N ASP A 101 2.27 3.02 -11.96
CA ASP A 101 3.59 3.04 -12.60
C ASP A 101 4.47 4.13 -12.05
N THR A 102 3.84 5.28 -11.77
CA THR A 102 4.61 6.45 -11.19
C THR A 102 5.14 6.06 -9.82
N VAL A 103 4.28 5.50 -8.97
CA VAL A 103 4.71 5.17 -7.62
C VAL A 103 5.84 4.08 -7.73
N LEU A 104 5.59 3.02 -8.51
CA LEU A 104 6.55 1.95 -8.65
C LEU A 104 7.84 2.48 -9.19
N GLY A 105 7.79 3.48 -10.07
CA GLY A 105 9.02 4.08 -10.61
C GLY A 105 9.77 4.85 -9.52
N LEU A 106 9.09 5.55 -8.62
CA LEU A 106 9.80 6.22 -7.55
C LEU A 106 10.46 5.20 -6.64
N LEU A 107 9.76 4.10 -6.37
CA LEU A 107 10.34 3.06 -5.47
C LEU A 107 11.55 2.45 -6.15
N ASP A 108 11.54 2.26 -7.43
CA ASP A 108 12.66 1.65 -8.17
C ASP A 108 13.76 2.63 -8.45
N SER A 109 13.49 3.92 -8.45
CA SER A 109 14.49 4.93 -8.83
C SER A 109 14.38 6.12 -7.87
N HIS A 110 14.91 6.03 -6.63
CA HIS A 110 15.80 4.96 -6.16
C HIS A 110 15.49 4.70 -4.71
N LEU A 111 14.21 4.77 -4.27
CA LEU A 111 13.93 4.76 -2.85
C LEU A 111 14.36 3.41 -2.25
N ILE A 112 13.96 2.29 -2.84
CA ILE A 112 14.18 1.01 -2.17
C ILE A 112 15.72 0.77 -2.11
N LYS A 113 16.47 1.00 -3.17
CA LYS A 113 17.91 0.62 -3.14
C LYS A 113 18.68 1.41 -2.08
N GLU A 114 18.23 2.63 -1.71
CA GLU A 114 18.96 3.33 -0.65
CA GLU A 114 18.85 3.49 -0.71
C GLU A 114 18.37 3.10 0.70
N ALA A 115 17.30 2.32 0.84
CA ALA A 115 16.68 2.16 2.14
C ALA A 115 17.35 0.95 2.88
N GLY A 116 18.08 1.23 3.89
CA GLY A 116 18.84 0.20 4.65
C GLY A 116 18.24 -0.10 6.01
N ASP A 117 17.53 0.84 6.59
CA ASP A 117 16.96 0.56 7.87
C ASP A 117 15.67 -0.22 7.72
N ALA A 118 15.31 -1.06 8.66
CA ALA A 118 14.11 -1.90 8.47
C ALA A 118 12.86 -1.08 8.31
N GLU A 119 12.72 0.02 9.06
CA GLU A 119 11.48 0.79 8.95
CA GLU A 119 11.48 0.84 8.97
C GLU A 119 11.32 1.40 7.58
N SER A 120 12.39 1.85 6.93
CA SER A 120 12.21 2.41 5.60
CA SER A 120 12.22 2.39 5.58
C SER A 120 12.04 1.29 4.57
N ARG A 121 12.90 0.26 4.64
CA ARG A 121 12.87 -0.76 3.60
C ARG A 121 11.56 -1.56 3.61
N VAL A 122 11.07 -1.89 4.80
CA VAL A 122 9.76 -2.58 4.90
C VAL A 122 8.67 -1.65 4.37
N PHE A 123 8.67 -0.37 4.74
CA PHE A 123 7.66 0.54 4.26
CA PHE A 123 7.65 0.53 4.27
C PHE A 123 7.63 0.57 2.73
N TYR A 124 8.79 0.72 2.09
CA TYR A 124 8.81 0.81 0.64
C TYR A 124 8.46 -0.48 -0.02
N LEU A 125 8.87 -1.62 0.53
CA LEU A 125 8.51 -2.89 -0.12
C LEU A 125 7.04 -3.15 0.07
N LYS A 126 6.44 -2.78 1.19
CA LYS A 126 4.97 -2.87 1.35
CA LYS A 126 4.99 -2.84 1.35
C LYS A 126 4.29 -2.00 0.27
N MET A 127 4.77 -0.78 0.04
CA MET A 127 4.17 0.06 -1.02
CA MET A 127 4.19 0.06 -1.00
C MET A 127 4.32 -0.62 -2.35
N LYS A 128 5.47 -1.23 -2.65
CA LYS A 128 5.63 -1.92 -3.92
C LYS A 128 4.59 -3.03 -4.05
N GLY A 129 4.36 -3.82 -2.99
CA GLY A 129 3.33 -4.87 -3.03
C GLY A 129 1.95 -4.21 -3.25
N ASP A 130 1.64 -3.12 -2.58
CA ASP A 130 0.30 -2.51 -2.69
C ASP A 130 0.09 -2.04 -4.14
N TYR A 131 1.07 -1.35 -4.74
CA TYR A 131 0.79 -0.79 -6.05
C TYR A 131 0.77 -1.88 -7.15
N TYR A 132 1.55 -2.95 -7.01
CA TYR A 132 1.36 -4.07 -7.92
C TYR A 132 -0.03 -4.70 -7.62
N ARG A 133 -0.50 -4.76 -6.38
CA ARG A 133 -1.80 -5.28 -6.09
C ARG A 133 -2.87 -4.46 -6.81
N TYR A 134 -2.75 -3.14 -6.81
CA TYR A 134 -3.78 -2.30 -7.49
C TYR A 134 -3.68 -2.57 -9.01
N LEU A 135 -2.45 -2.73 -9.59
CA LEU A 135 -2.38 -3.13 -11.01
C LEU A 135 -3.11 -4.48 -11.18
N ALA A 136 -2.95 -5.42 -10.24
CA ALA A 136 -3.51 -6.76 -10.46
C ALA A 136 -5.04 -6.68 -10.43
N GLU A 137 -5.64 -5.74 -9.68
CA GLU A 137 -7.12 -5.66 -9.62
C GLU A 137 -7.71 -5.37 -11.01
N VAL A 138 -6.98 -4.70 -11.91
CA VAL A 138 -7.55 -4.34 -13.18
C VAL A 138 -6.90 -5.13 -14.33
N ALA A 139 -5.98 -6.04 -14.03
CA ALA A 139 -5.27 -6.81 -15.05
C ALA A 139 -6.09 -8.03 -15.49
N THR A 140 -5.79 -8.62 -16.62
N THR A 140 -6.10 -8.14 -16.84
CA THR A 140 -6.44 -9.91 -16.89
CA THR A 140 -6.89 -9.14 -17.56
C THR A 140 -5.40 -10.92 -17.33
C THR A 140 -6.16 -9.96 -18.59
N GLY A 141 -5.76 -12.21 -17.31
N GLY A 141 -4.91 -9.60 -18.91
CA GLY A 141 -4.98 -13.20 -18.05
CA GLY A 141 -4.24 -10.21 -20.06
C GLY A 141 -3.57 -13.39 -17.56
C GLY A 141 -2.98 -11.01 -19.74
N ASP A 142 -2.65 -13.64 -18.47
N ASP A 142 -1.99 -11.00 -20.64
CA ASP A 142 -1.29 -13.92 -18.11
CA ASP A 142 -0.88 -12.00 -20.55
C ASP A 142 -0.62 -12.67 -17.56
C ASP A 142 0.10 -11.74 -19.42
N ASP A 143 -0.98 -11.55 -18.12
N ASP A 143 0.00 -10.57 -18.82
CA ASP A 143 -0.11 -10.49 -17.81
CA ASP A 143 0.63 -10.22 -17.44
C ASP A 143 -0.19 -10.38 -16.28
C ASP A 143 -0.26 -10.14 -16.06
N LYS A 144 -1.48 -10.60 -15.89
CA LYS A 144 -2.00 -10.63 -14.56
C LYS A 144 -1.13 -11.55 -13.72
N LYS A 145 -0.76 -12.73 -14.19
CA LYS A 145 0.09 -13.64 -13.38
C LYS A 145 1.34 -13.01 -12.97
N ARG A 146 2.07 -12.36 -13.88
CA ARG A 146 3.44 -11.82 -13.51
CA ARG A 146 3.33 -11.74 -13.64
C ARG A 146 3.15 -10.63 -12.58
N ILE A 147 2.06 -9.85 -12.73
CA ILE A 147 1.84 -8.70 -11.84
C ILE A 147 1.53 -9.26 -10.44
N ILE A 148 0.69 -10.31 -10.31
CA ILE A 148 0.41 -10.92 -9.04
C ILE A 148 1.73 -11.44 -8.41
N ASP A 149 2.60 -12.07 -9.19
CA ASP A 149 3.81 -12.57 -8.57
CA ASP A 149 3.88 -12.57 -8.70
C ASP A 149 4.73 -11.43 -8.13
N SER A 150 4.73 -10.29 -8.83
CA SER A 150 5.53 -9.13 -8.39
C SER A 150 4.99 -8.62 -7.06
N ALA A 151 3.66 -8.54 -6.89
CA ALA A 151 3.12 -8.09 -5.60
C ALA A 151 3.52 -9.06 -4.52
N ARG A 152 3.35 -10.37 -4.78
CA ARG A 152 3.69 -11.42 -3.81
CA ARG A 152 3.63 -11.37 -3.72
C ARG A 152 5.13 -11.29 -3.35
N SER A 153 6.01 -11.17 -4.30
CA SER A 153 7.47 -11.15 -4.05
CA SER A 153 7.45 -11.19 -3.98
C SER A 153 7.82 -9.93 -3.19
N ALA A 154 7.22 -8.75 -3.47
CA ALA A 154 7.54 -7.53 -2.70
C ALA A 154 7.01 -7.72 -1.27
N TYR A 155 5.73 -8.17 -1.11
CA TYR A 155 5.20 -8.41 0.21
C TYR A 155 6.05 -9.42 0.99
N GLN A 156 6.50 -10.49 0.30
CA GLN A 156 7.22 -11.56 1.01
C GLN A 156 8.57 -11.03 1.48
N GLU A 157 9.30 -10.24 0.64
CA GLU A 157 10.59 -9.70 1.12
CA GLU A 157 10.57 -9.68 1.09
C GLU A 157 10.32 -8.77 2.30
N ALA A 158 9.27 -7.95 2.25
CA ALA A 158 8.95 -7.04 3.38
C ALA A 158 8.66 -7.88 4.63
N MET A 159 7.90 -8.97 4.48
CA MET A 159 7.52 -9.82 5.63
CA MET A 159 7.55 -9.84 5.57
C MET A 159 8.82 -10.43 6.23
N ASP A 160 9.74 -10.87 5.38
CA ASP A 160 10.95 -11.55 5.89
C ASP A 160 11.75 -10.56 6.75
N ILE A 161 11.92 -9.33 6.23
CA ILE A 161 12.66 -8.33 7.00
C ILE A 161 11.91 -8.00 8.28
N SER A 162 10.60 -7.80 8.20
CA SER A 162 9.83 -7.33 9.33
CA SER A 162 9.82 -7.38 9.31
C SER A 162 9.90 -8.37 10.48
N LYS A 163 9.88 -9.67 10.12
CA LYS A 163 9.93 -10.69 11.17
C LYS A 163 11.28 -10.77 11.84
N LYS A 164 12.34 -10.43 11.11
CA LYS A 164 13.69 -10.44 11.70
CA LYS A 164 13.70 -10.45 11.66
C LYS A 164 14.00 -9.19 12.50
N GLU A 165 13.46 -8.04 12.10
CA GLU A 165 13.91 -6.75 12.58
C GLU A 165 12.94 -5.95 13.37
N MET A 166 11.64 -6.26 13.42
CA MET A 166 10.71 -5.42 14.15
C MET A 166 9.92 -6.29 15.08
N PRO A 167 9.46 -5.71 16.20
CA PRO A 167 8.60 -6.48 17.12
C PRO A 167 7.22 -6.72 16.46
N PRO A 168 6.48 -7.71 16.98
CA PRO A 168 5.22 -8.07 16.34
C PRO A 168 4.15 -7.00 16.44
N THR A 169 4.30 -6.01 17.32
CA THR A 169 3.33 -4.95 17.47
C THR A 169 3.72 -3.73 16.62
N ASN A 170 4.85 -3.74 15.91
CA ASN A 170 5.26 -2.54 15.18
C ASN A 170 4.16 -2.19 14.12
N PRO A 171 3.67 -0.93 14.06
CA PRO A 171 2.57 -0.66 13.19
C PRO A 171 2.89 -0.88 11.74
N ILE A 172 4.13 -0.67 11.32
CA ILE A 172 4.39 -0.91 9.87
CA ILE A 172 4.57 -0.95 9.94
C ILE A 172 4.34 -2.45 9.64
N ARG A 173 4.88 -3.27 10.51
CA ARG A 173 4.79 -4.72 10.38
C ARG A 173 3.34 -5.16 10.40
N LEU A 174 2.51 -4.57 11.26
CA LEU A 174 1.09 -4.93 11.31
C LEU A 174 0.40 -4.53 10.03
N GLY A 175 0.63 -3.33 9.57
CA GLY A 175 -0.05 -2.92 8.35
C GLY A 175 0.37 -3.70 7.11
N LEU A 176 1.64 -4.10 7.03
CA LEU A 176 2.15 -4.98 5.98
C LEU A 176 1.35 -6.29 6.07
N ALA A 177 1.28 -6.92 7.25
CA ALA A 177 0.59 -8.22 7.35
C ALA A 177 -0.88 -8.06 6.98
N LEU A 178 -1.55 -6.98 7.40
CA LEU A 178 -2.96 -6.71 7.02
C LEU A 178 -3.03 -6.67 5.48
N ASN A 179 -2.18 -5.91 4.80
CA ASN A 179 -2.33 -5.76 3.35
C ASN A 179 -1.94 -7.03 2.62
N PHE A 180 -0.94 -7.79 3.12
CA PHE A 180 -0.59 -9.05 2.45
C PHE A 180 -1.74 -10.03 2.64
N SER A 181 -2.45 -10.02 3.78
CA SER A 181 -3.63 -10.91 4.00
CA SER A 181 -3.62 -10.91 3.99
CA SER A 181 -3.59 -10.88 4.00
C SER A 181 -4.71 -10.55 3.00
N VAL A 182 -4.93 -9.23 2.79
CA VAL A 182 -5.93 -8.82 1.76
C VAL A 182 -5.49 -9.27 0.36
N PHE A 183 -4.22 -9.15 -0.01
CA PHE A 183 -3.70 -9.70 -1.24
C PHE A 183 -4.08 -11.18 -1.33
N HIS A 184 -3.83 -12.00 -0.29
CA HIS A 184 -4.10 -13.40 -0.42
C HIS A 184 -5.61 -13.61 -0.65
N TYR A 185 -6.47 -12.89 0.07
CA TYR A 185 -7.91 -13.14 0.00
C TYR A 185 -8.51 -12.65 -1.32
N GLU A 186 -8.13 -11.45 -1.73
CA GLU A 186 -8.83 -10.78 -2.87
C GLU A 186 -8.15 -10.99 -4.23
N ILE A 187 -6.84 -11.21 -4.22
CA ILE A 187 -6.04 -11.29 -5.49
C ILE A 187 -5.59 -12.70 -5.80
N ALA A 188 -5.04 -13.37 -4.77
CA ALA A 188 -4.37 -14.66 -5.03
C ALA A 188 -5.32 -15.83 -4.85
N ASN A 189 -6.58 -15.59 -4.54
CA ASN A 189 -7.55 -16.71 -4.38
C ASN A 189 -7.08 -17.71 -3.32
N SER A 190 -6.59 -17.15 -2.22
CA SER A 190 -5.99 -17.95 -1.13
C SER A 190 -6.62 -17.53 0.17
N PRO A 191 -7.92 -17.70 0.36
CA PRO A 191 -8.54 -17.24 1.59
C PRO A 191 -7.98 -17.93 2.83
N GLU A 192 -7.62 -19.18 2.74
CA GLU A 192 -7.06 -19.83 3.95
C GLU A 192 -5.73 -19.21 4.35
N GLU A 193 -4.89 -18.87 3.39
CA GLU A 193 -3.61 -18.19 3.69
C GLU A 193 -3.92 -16.82 4.30
N ALA A 194 -4.90 -16.10 3.79
CA ALA A 194 -5.27 -14.79 4.30
C ALA A 194 -5.71 -14.90 5.75
N ILE A 195 -6.59 -15.86 6.05
CA ILE A 195 -7.07 -16.05 7.39
C ILE A 195 -5.93 -16.48 8.34
N SER A 196 -5.07 -17.39 7.93
CA SER A 196 -4.00 -17.85 8.80
CA SER A 196 -3.98 -17.83 8.78
C SER A 196 -3.04 -16.66 9.08
N LEU A 197 -2.69 -15.89 8.05
CA LEU A 197 -1.76 -14.78 8.27
C LEU A 197 -2.40 -13.77 9.20
N ALA A 198 -3.66 -13.38 9.00
CA ALA A 198 -4.25 -12.38 9.88
C ALA A 198 -4.37 -12.89 11.31
N LYS A 199 -4.72 -14.17 11.49
CA LYS A 199 -4.88 -14.70 12.85
CA LYS A 199 -4.82 -14.80 12.83
C LYS A 199 -3.50 -14.80 13.57
N THR A 200 -2.48 -15.30 12.90
CA THR A 200 -1.14 -15.44 13.53
CA THR A 200 -1.14 -15.41 13.59
C THR A 200 -0.62 -14.01 13.84
N THR A 201 -0.82 -13.07 12.92
CA THR A 201 -0.33 -11.70 13.17
C THR A 201 -1.04 -11.09 14.37
N PHE A 202 -2.37 -11.25 14.47
CA PHE A 202 -3.15 -10.70 15.59
C PHE A 202 -2.68 -11.33 16.89
N ASP A 203 -2.50 -12.64 16.93
CA ASP A 203 -2.20 -13.31 18.15
C ASP A 203 -0.75 -12.97 18.61
N GLU A 204 0.19 -12.86 17.71
CA GLU A 204 1.57 -12.53 18.09
CA GLU A 204 1.57 -12.54 18.10
C GLU A 204 1.61 -11.08 18.56
N ALA A 205 0.81 -10.17 17.98
CA ALA A 205 0.81 -8.82 18.51
C ALA A 205 0.18 -8.75 19.87
N MET A 206 -0.94 -9.48 20.08
CA MET A 206 -1.60 -9.43 21.35
CA MET A 206 -1.60 -9.52 21.39
C MET A 206 -0.60 -9.78 22.48
N ALA A 207 0.22 -10.78 22.28
CA ALA A 207 1.19 -11.24 23.26
C ALA A 207 2.32 -10.28 23.54
N ASP A 208 2.52 -9.29 22.70
CA ASP A 208 3.61 -8.30 22.82
CA ASP A 208 3.60 -8.35 23.00
C ASP A 208 3.02 -6.95 23.33
N LEU A 209 1.69 -6.77 23.45
CA LEU A 209 1.17 -5.45 23.84
C LEU A 209 1.66 -5.03 25.20
N HIS A 210 1.99 -5.99 26.09
CA HIS A 210 2.41 -5.62 27.50
C HIS A 210 3.68 -4.81 27.51
N THR A 211 4.44 -4.82 26.40
CA THR A 211 5.69 -4.09 26.32
C THR A 211 5.54 -2.62 25.97
N LEU A 212 4.33 -2.19 25.61
CA LEU A 212 4.13 -0.91 25.00
C LEU A 212 3.66 0.15 25.98
N SER A 213 4.07 1.40 25.65
CA SER A 213 3.43 2.61 26.21
C SER A 213 1.97 2.80 25.84
N GLU A 214 1.26 3.65 26.54
CA GLU A 214 -0.12 3.97 26.24
CA GLU A 214 -0.14 3.87 26.22
C GLU A 214 -0.27 4.39 24.77
N ASP A 215 0.62 5.25 24.27
CA ASP A 215 0.44 5.74 22.94
C ASP A 215 0.80 4.66 21.90
N SER A 216 1.84 3.87 22.12
CA SER A 216 2.16 2.75 21.18
C SER A 216 1.03 1.72 21.23
N TYR A 217 0.47 1.46 22.41
CA TYR A 217 -0.63 0.49 22.51
CA TYR A 217 -0.67 0.53 22.54
C TYR A 217 -1.82 0.96 21.65
N LYS A 218 -2.18 2.25 21.69
CA LYS A 218 -3.24 2.72 20.83
CA LYS A 218 -3.25 2.70 20.83
C LYS A 218 -2.91 2.51 19.34
N ASP A 219 -1.68 2.85 18.93
CA ASP A 219 -1.29 2.73 17.50
C ASP A 219 -1.45 1.22 17.07
N SER A 220 -0.92 0.30 17.88
CA SER A 220 -0.91 -1.13 17.47
C SER A 220 -2.33 -1.70 17.56
N THR A 221 -3.13 -1.38 18.58
CA THR A 221 -4.43 -1.99 18.70
C THR A 221 -5.32 -1.46 17.58
N LEU A 222 -5.15 -0.25 17.09
CA LEU A 222 -5.94 0.24 15.97
CA LEU A 222 -6.00 0.20 16.02
C LEU A 222 -5.80 -0.72 14.80
N ILE A 223 -4.58 -1.09 14.48
CA ILE A 223 -4.35 -1.97 13.29
C ILE A 223 -4.81 -3.39 13.61
N MET A 224 -4.61 -3.83 14.82
CA MET A 224 -5.15 -5.14 15.22
C MET A 224 -6.64 -5.22 15.00
N GLN A 225 -7.35 -4.12 15.28
CA GLN A 225 -8.81 -4.18 15.08
C GLN A 225 -9.12 -4.31 13.59
N LEU A 226 -8.31 -3.73 12.69
CA LEU A 226 -8.54 -3.96 11.23
C LEU A 226 -8.32 -5.45 10.90
N LEU A 227 -7.26 -6.10 11.47
CA LEU A 227 -7.12 -7.52 11.25
C LEU A 227 -8.34 -8.31 11.73
N ARG A 228 -8.84 -7.96 12.93
CA ARG A 228 -9.99 -8.67 13.47
CA ARG A 228 -10.04 -8.55 13.51
C ARG A 228 -11.26 -8.37 12.61
N ASP A 229 -11.39 -7.17 12.06
CA ASP A 229 -12.57 -6.84 11.21
C ASP A 229 -12.53 -7.73 9.95
N ASN A 230 -11.35 -7.92 9.36
CA ASN A 230 -11.30 -8.82 8.19
C ASN A 230 -11.54 -10.24 8.59
N LEU A 231 -10.93 -10.71 9.69
CA LEU A 231 -11.25 -12.07 10.12
C LEU A 231 -12.76 -12.33 10.32
N THR A 232 -13.44 -11.33 10.84
CA THR A 232 -14.91 -11.38 10.91
C THR A 232 -15.62 -11.42 9.56
N LEU A 233 -15.17 -10.63 8.60
CA LEU A 233 -15.72 -10.64 7.26
CA LEU A 233 -15.74 -10.65 7.26
C LEU A 233 -15.46 -12.02 6.60
N TRP A 234 -14.30 -12.65 6.86
CA TRP A 234 -13.83 -13.84 6.06
C TRP A 234 -14.19 -15.19 6.70
N THR A 235 -14.63 -15.17 7.96
CA THR A 235 -14.99 -16.38 8.66
C THR A 235 -16.43 -16.36 9.14
#